data_6NHI
#
_entry.id   6NHI
#
_cell.length_a   95.800
_cell.length_b   68.560
_cell.length_c   97.220
_cell.angle_alpha   90.000
_cell.angle_beta   118.660
_cell.angle_gamma   90.000
#
_symmetry.space_group_name_H-M   'C 1 2 1'
#
loop_
_entity.id
_entity.type
_entity.pdbx_description
1 polymer 'Histidine--tRNA ligase'
2 water water
#
_entity_poly.entity_id   1
_entity_poly.type   'polypeptide(L)'
_entity_poly.pdbx_seq_one_letter_code
;MAHHHHHHMKPSLAKGTRDFTAQEVSRRKYIINTLQKNFELFGFQPLETPSFENLSTLTGKYGEEGDRLIFKILNSGNYT
DKVNENDWQNKDAKKLTSQISDKALRYDLTVPFARFVAMNHGQLTFPFKRYQIQPVWRADRPQKGRFREFYQCDADVVGS
ESLWQEVELVQLYFKAFKELGVPVAIQMNNRKILSGLAEYAGITEQLIDFTVALDKLDKIGKDGVIKEMQEKGISNEAIE
KLDFLFHQKINALENLQELKTRFEGVEVGIQGVTELEFVLSKAMELGIDNQDLVFNITLARGLDYYTGAIFEVKAKGVEM
GSIGGGGRYNNLTEVFGVKNIPGIGISFGLDRTYLVMEELGLFPENATVKVEYLFANYGEEEAIEAMKLIAQLREKGISA
ELYPEAAKLKKQFTYAEKKEIPNLVFLGKDEIENANVTIKNLTTGEQETITQSEFLK
;
_entity_poly.pdbx_strand_id   A
#
# COMPACT_ATOMS: atom_id res chain seq x y z
N HIS A 8 -29.63 -7.28 -25.43
CA HIS A 8 -30.43 -6.42 -24.58
C HIS A 8 -29.77 -5.04 -24.39
N MET A 9 -29.79 -4.52 -23.16
CA MET A 9 -29.22 -3.22 -22.87
C MET A 9 -27.70 -3.32 -22.72
N LYS A 10 -27.03 -2.18 -22.96
CA LYS A 10 -25.58 -2.13 -22.87
C LYS A 10 -25.14 -2.06 -21.41
N PRO A 11 -24.13 -2.83 -21.03
CA PRO A 11 -23.71 -2.89 -19.62
C PRO A 11 -22.75 -1.77 -19.24
N SER A 12 -22.48 -1.70 -17.94
CA SER A 12 -21.59 -0.69 -17.40
C SER A 12 -20.96 -1.21 -16.13
N LEU A 13 -19.96 -0.48 -15.66
CA LEU A 13 -19.30 -0.74 -14.40
C LEU A 13 -20.13 -0.24 -13.23
N ALA A 14 -20.08 -0.95 -12.11
CA ALA A 14 -20.62 -0.39 -10.88
C ALA A 14 -19.84 0.88 -10.53
N LYS A 15 -20.53 1.84 -9.93
CA LYS A 15 -19.91 3.11 -9.59
C LYS A 15 -18.70 2.90 -8.70
N GLY A 16 -17.64 3.66 -8.97
CA GLY A 16 -16.44 3.54 -8.16
C GLY A 16 -15.58 2.32 -8.41
N THR A 17 -15.70 1.68 -9.58
CA THR A 17 -14.80 0.56 -9.92
C THR A 17 -14.25 0.74 -11.33
N ARG A 18 -13.25 -0.08 -11.67
CA ARG A 18 -12.68 -0.06 -13.02
C ARG A 18 -12.07 -1.42 -13.36
N ASP A 19 -11.96 -1.70 -14.66
CA ASP A 19 -11.25 -2.87 -15.15
C ASP A 19 -9.75 -2.61 -15.20
N PHE A 20 -8.95 -3.64 -15.00
CA PHE A 20 -7.51 -3.53 -15.19
C PHE A 20 -7.07 -4.43 -16.34
N THR A 21 -6.46 -3.83 -17.35
CA THR A 21 -5.91 -4.59 -18.46
C THR A 21 -4.45 -4.93 -18.20
N ALA A 22 -3.87 -5.61 -19.18
CA ALA A 22 -2.59 -6.31 -19.02
C ALA A 22 -1.50 -5.43 -18.42
N GLN A 23 -1.24 -4.26 -19.02
CA GLN A 23 -0.13 -3.46 -18.53
C GLN A 23 -0.36 -3.02 -17.08
N GLU A 24 -1.57 -2.58 -16.76
CA GLU A 24 -1.82 -2.15 -15.38
C GLU A 24 -1.73 -3.32 -14.42
N VAL A 25 -2.23 -4.50 -14.79
CA VAL A 25 -2.10 -5.67 -13.91
C VAL A 25 -0.62 -5.98 -13.68
N SER A 26 0.18 -6.00 -14.74
CA SER A 26 1.58 -6.39 -14.58
C SER A 26 2.35 -5.38 -13.74
N ARG A 27 2.02 -4.09 -13.87
CA ARG A 27 2.70 -3.10 -13.03
C ARG A 27 2.27 -3.22 -11.58
N ARG A 28 0.98 -3.46 -11.35
CA ARG A 28 0.50 -3.68 -9.98
C ARG A 28 1.18 -4.91 -9.38
N LYS A 29 1.26 -5.99 -10.14
CA LYS A 29 1.89 -7.20 -9.61
C LYS A 29 3.38 -6.99 -9.36
N TYR A 30 4.05 -6.20 -10.21
CA TYR A 30 5.44 -5.85 -9.97
C TYR A 30 5.62 -5.19 -8.61
N ILE A 31 4.76 -4.22 -8.28
CA ILE A 31 4.86 -3.57 -6.99
C ILE A 31 4.67 -4.57 -5.87
N ILE A 32 3.62 -5.39 -5.96
CA ILE A 32 3.28 -6.32 -4.89
C ILE A 32 4.37 -7.37 -4.71
N ASN A 33 4.88 -7.92 -5.82
CA ASN A 33 5.92 -8.95 -5.75
C ASN A 33 7.21 -8.40 -5.17
N THR A 34 7.56 -7.17 -5.51
CA THR A 34 8.70 -6.51 -4.89
C THR A 34 8.51 -6.38 -3.38
N LEU A 35 7.34 -5.91 -2.94
CA LEU A 35 7.09 -5.77 -1.51
C LEU A 35 7.06 -7.12 -0.80
N GLN A 36 6.37 -8.10 -1.39
CA GLN A 36 6.33 -9.44 -0.83
C GLN A 36 7.74 -9.97 -0.58
N LYS A 37 8.59 -9.88 -1.60
CA LYS A 37 9.94 -10.41 -1.47
C LYS A 37 10.69 -9.70 -0.36
N ASN A 38 10.51 -8.38 -0.25
CA ASN A 38 11.17 -7.64 0.80
C ASN A 38 10.65 -8.03 2.18
N PHE A 39 9.32 -8.14 2.33
CA PHE A 39 8.72 -8.61 3.57
C PHE A 39 9.37 -9.92 4.04
N GLU A 40 9.59 -10.85 3.12
CA GLU A 40 10.10 -12.14 3.54
C GLU A 40 11.57 -12.10 3.92
N LEU A 41 12.36 -11.21 3.31
CA LEU A 41 13.74 -11.00 3.77
C LEU A 41 13.78 -10.54 5.22
N PHE A 42 12.75 -9.82 5.66
CA PHE A 42 12.60 -9.28 6.99
C PHE A 42 11.85 -10.22 7.95
N GLY A 43 11.55 -11.45 7.52
CA GLY A 43 10.96 -12.44 8.40
C GLY A 43 9.46 -12.32 8.59
N PHE A 44 8.80 -11.50 7.78
CA PHE A 44 7.35 -11.40 7.78
C PHE A 44 6.76 -12.45 6.85
N GLN A 45 5.76 -13.21 7.35
CA GLN A 45 5.01 -14.29 6.70
C GLN A 45 3.63 -13.80 6.25
N PRO A 46 3.10 -14.29 5.13
CA PRO A 46 1.81 -13.77 4.66
C PRO A 46 0.65 -14.30 5.49
N LEU A 47 -0.39 -13.47 5.62
CA LEU A 47 -1.68 -13.88 6.16
C LEU A 47 -2.77 -13.39 5.21
N GLU A 48 -3.77 -14.24 4.96
CA GLU A 48 -4.94 -13.85 4.18
C GLU A 48 -6.18 -14.19 4.97
N THR A 49 -7.04 -13.21 5.17
CA THR A 49 -8.33 -13.37 5.82
C THR A 49 -9.45 -13.26 4.79
N PRO A 50 -10.67 -13.67 5.11
CA PRO A 50 -11.69 -13.74 4.07
C PRO A 50 -12.21 -12.36 3.67
N SER A 51 -12.78 -12.31 2.47
CA SER A 51 -13.44 -11.09 2.03
C SER A 51 -14.64 -10.75 2.91
N PHE A 52 -15.30 -11.79 3.46
CA PHE A 52 -16.44 -11.66 4.36
C PHE A 52 -15.97 -11.76 5.80
N GLU A 53 -16.42 -10.84 6.63
CA GLU A 53 -16.38 -10.99 8.07
C GLU A 53 -17.80 -10.90 8.59
N ASN A 54 -18.04 -11.40 9.80
CA ASN A 54 -19.35 -11.21 10.42
C ASN A 54 -19.58 -9.70 10.57
N LEU A 55 -20.84 -9.27 10.40
CA LEU A 55 -21.14 -7.86 10.60
C LEU A 55 -20.65 -7.38 11.96
N SER A 56 -20.85 -8.20 12.99
CA SER A 56 -20.47 -7.80 14.35
C SER A 56 -18.96 -7.68 14.52
N THR A 57 -18.17 -8.41 13.73
CA THR A 57 -16.72 -8.25 13.83
C THR A 57 -16.30 -6.85 13.42
N LEU A 58 -16.95 -6.29 12.40
CA LEU A 58 -16.53 -5.02 11.84
C LEU A 58 -17.23 -3.82 12.46
N THR A 59 -18.44 -3.99 13.02
CA THR A 59 -19.19 -2.86 13.53
C THR A 59 -18.60 -2.35 14.83
N GLY A 60 -18.65 -1.03 15.01
CA GLY A 60 -18.07 -0.36 16.15
C GLY A 60 -16.56 -0.22 16.12
N LYS A 61 -15.88 -0.76 15.10
CA LYS A 61 -14.42 -0.78 15.06
C LYS A 61 -13.80 0.42 14.37
N TYR A 62 -14.58 1.18 13.60
CA TYR A 62 -14.03 2.20 12.71
C TYR A 62 -14.51 3.60 13.07
N GLY A 63 -14.70 3.86 14.37
CA GLY A 63 -15.11 5.16 14.84
C GLY A 63 -16.60 5.24 15.08
N GLU A 64 -17.00 6.28 15.82
CA GLU A 64 -18.42 6.47 16.14
C GLU A 64 -19.26 6.51 14.87
N GLU A 65 -18.80 7.23 13.84
CA GLU A 65 -19.54 7.33 12.59
C GLU A 65 -18.81 6.61 11.48
N GLY A 66 -18.48 5.35 11.68
CA GLY A 66 -17.76 4.59 10.67
C GLY A 66 -18.54 3.42 10.12
N ASP A 67 -19.54 2.95 10.87
CA ASP A 67 -20.34 1.81 10.41
C ASP A 67 -20.98 2.11 9.06
N ARG A 68 -21.28 3.38 8.80
CA ARG A 68 -21.85 3.80 7.52
C ARG A 68 -20.92 3.51 6.35
N LEU A 69 -19.62 3.40 6.59
CA LEU A 69 -18.63 3.22 5.53
C LEU A 69 -18.42 1.76 5.12
N ILE A 70 -19.01 0.84 5.83
CA ILE A 70 -18.84 -0.60 5.61
C ILE A 70 -19.84 -1.08 4.57
N PHE A 71 -19.40 -1.90 3.61
CA PHE A 71 -20.35 -2.55 2.72
C PHE A 71 -20.96 -3.78 3.39
N LYS A 72 -22.28 -3.82 3.48
CA LYS A 72 -23.01 -4.94 4.07
C LYS A 72 -23.52 -5.88 3.01
N ILE A 73 -23.47 -7.18 3.30
CA ILE A 73 -23.98 -8.22 2.39
C ILE A 73 -25.39 -8.60 2.83
N LEU A 74 -26.32 -8.54 1.89
CA LEU A 74 -27.71 -8.89 2.19
C LEU A 74 -27.81 -10.38 2.43
N ASN A 75 -28.57 -10.75 3.47
CA ASN A 75 -28.81 -12.15 3.77
C ASN A 75 -29.44 -12.88 2.59
N SER A 76 -29.03 -14.12 2.37
CA SER A 76 -29.63 -14.95 1.34
C SER A 76 -31.03 -15.39 1.77
N GLY A 77 -31.86 -15.70 0.78
CA GLY A 77 -33.21 -16.17 1.07
C GLY A 77 -34.17 -15.03 1.37
N ASN A 78 -35.18 -15.32 2.19
CA ASN A 78 -36.13 -14.30 2.61
C ASN A 78 -35.49 -13.57 3.79
N TYR A 79 -34.80 -12.48 3.49
CA TYR A 79 -34.09 -11.74 4.52
C TYR A 79 -35.02 -10.90 5.39
N THR A 80 -36.28 -10.72 4.97
CA THR A 80 -37.28 -10.11 5.83
C THR A 80 -37.95 -11.10 6.78
N ASP A 81 -37.56 -12.38 6.73
CA ASP A 81 -38.28 -13.43 7.43
C ASP A 81 -38.24 -13.29 8.95
N LYS A 82 -37.46 -12.35 9.50
CA LYS A 82 -37.36 -12.26 10.95
C LYS A 82 -37.30 -10.82 11.47
N VAL A 83 -37.71 -9.84 10.67
CA VAL A 83 -37.49 -8.44 11.03
C VAL A 83 -38.38 -8.05 12.21
N ASN A 84 -37.82 -7.24 13.11
CA ASN A 84 -38.60 -6.64 14.18
C ASN A 84 -39.73 -5.83 13.57
N GLU A 85 -40.97 -6.15 13.98
CA GLU A 85 -42.14 -5.61 13.31
C GLU A 85 -42.22 -4.08 13.44
N ASN A 86 -41.93 -3.56 14.63
CA ASN A 86 -41.86 -2.11 14.82
C ASN A 86 -40.86 -1.49 13.85
N ASP A 87 -39.63 -2.02 13.80
CA ASP A 87 -38.58 -1.45 12.97
C ASP A 87 -38.94 -1.49 11.48
N TRP A 88 -39.56 -2.58 11.02
CA TRP A 88 -39.92 -2.67 9.60
C TRP A 88 -40.94 -1.60 9.23
N GLN A 89 -42.05 -1.51 9.98
CA GLN A 89 -43.04 -0.47 9.73
C GLN A 89 -42.44 0.91 9.89
N ASN A 90 -41.60 1.09 10.90
CA ASN A 90 -40.87 2.34 11.07
C ASN A 90 -39.88 2.57 9.93
N LYS A 91 -39.58 1.53 9.14
CA LYS A 91 -38.55 1.60 8.09
C LYS A 91 -37.24 2.17 8.62
N ASP A 92 -36.92 1.84 9.88
CA ASP A 92 -35.63 2.21 10.44
C ASP A 92 -34.56 1.40 9.73
N ALA A 93 -34.02 1.94 8.63
CA ALA A 93 -32.97 1.23 7.89
C ALA A 93 -31.81 0.85 8.79
N LYS A 94 -31.37 1.77 9.67
CA LYS A 94 -30.18 1.51 10.46
C LYS A 94 -30.38 0.34 11.42
N LYS A 95 -31.52 0.32 12.12
CA LYS A 95 -31.80 -0.77 13.06
C LYS A 95 -32.04 -2.09 12.33
N LEU A 96 -32.57 -2.03 11.11
CA LEU A 96 -32.84 -3.23 10.33
C LEU A 96 -31.59 -3.86 9.70
N THR A 97 -30.48 -3.13 9.64
CA THR A 97 -29.28 -3.62 8.96
C THR A 97 -28.83 -4.96 9.54
N SER A 98 -28.62 -4.98 10.85
CA SER A 98 -28.28 -6.22 11.54
C SER A 98 -29.37 -7.27 11.42
N GLN A 99 -30.59 -6.90 11.02
CA GLN A 99 -31.69 -7.85 10.90
C GLN A 99 -31.77 -8.48 9.52
N ILE A 100 -31.32 -7.79 8.48
CA ILE A 100 -31.33 -8.32 7.12
C ILE A 100 -29.93 -8.56 6.58
N SER A 101 -28.89 -8.35 7.40
CA SER A 101 -27.51 -8.55 6.96
C SER A 101 -26.67 -9.00 8.14
N ASP A 102 -25.95 -10.12 8.00
CA ASP A 102 -25.03 -10.55 9.05
C ASP A 102 -23.59 -10.67 8.58
N LYS A 103 -23.27 -10.19 7.37
CA LYS A 103 -21.94 -10.27 6.78
C LYS A 103 -21.55 -8.92 6.19
N ALA A 104 -20.24 -8.65 6.16
CA ALA A 104 -19.76 -7.41 5.57
C ALA A 104 -18.40 -7.61 4.91
N LEU A 105 -18.12 -6.79 3.91
CA LEU A 105 -16.81 -6.85 3.26
C LEU A 105 -15.71 -6.22 4.11
N ARG A 106 -14.53 -6.82 4.02
CA ARG A 106 -13.31 -6.34 4.65
C ARG A 106 -13.14 -4.85 4.38
N TYR A 107 -12.90 -4.09 5.45
CA TYR A 107 -12.75 -2.65 5.40
C TYR A 107 -11.31 -2.18 5.57
N ASP A 108 -10.56 -2.88 6.41
CA ASP A 108 -9.13 -2.73 6.54
C ASP A 108 -8.54 -4.10 6.85
N LEU A 109 -7.22 -4.15 7.01
CA LEU A 109 -6.51 -5.40 7.30
C LEU A 109 -6.28 -5.62 8.79
N THR A 110 -6.28 -4.55 9.58
CA THR A 110 -5.90 -4.66 10.98
C THR A 110 -6.99 -5.33 11.81
N VAL A 111 -8.26 -5.02 11.56
CA VAL A 111 -9.33 -5.67 12.33
C VAL A 111 -9.37 -7.18 12.07
N PRO A 112 -9.36 -7.66 10.82
CA PRO A 112 -9.27 -9.12 10.63
C PRO A 112 -8.02 -9.73 11.22
N PHE A 113 -6.90 -9.01 11.18
CA PHE A 113 -5.66 -9.51 11.80
C PHE A 113 -5.85 -9.67 13.31
N ALA A 114 -6.49 -8.69 13.94
CA ALA A 114 -6.79 -8.78 15.36
C ALA A 114 -7.74 -9.93 15.66
N ARG A 115 -8.72 -10.16 14.78
CA ARG A 115 -9.59 -11.31 14.96
C ARG A 115 -8.80 -12.61 14.87
N PHE A 116 -8.01 -12.76 13.81
CA PHE A 116 -7.17 -13.95 13.65
C PHE A 116 -6.33 -14.20 14.90
N VAL A 117 -5.69 -13.15 15.42
CA VAL A 117 -4.85 -13.34 16.60
C VAL A 117 -5.70 -13.64 17.82
N ALA A 118 -6.83 -12.95 17.98
CA ALA A 118 -7.70 -13.24 19.11
C ALA A 118 -8.19 -14.69 19.05
N MET A 119 -8.45 -15.19 17.85
CA MET A 119 -8.92 -16.56 17.72
C MET A 119 -7.81 -17.59 17.89
N ASN A 120 -6.58 -17.26 17.47
CA ASN A 120 -5.54 -18.29 17.40
C ASN A 120 -4.34 -18.05 18.31
N HIS A 121 -4.36 -17.03 19.16
CA HIS A 121 -3.13 -16.61 19.83
C HIS A 121 -2.52 -17.74 20.65
N GLY A 122 -3.35 -18.65 21.18
CA GLY A 122 -2.84 -19.75 21.95
C GLY A 122 -1.91 -20.67 21.17
N GLN A 123 -2.01 -20.69 19.84
CA GLN A 123 -1.23 -21.57 19.00
CA GLN A 123 -1.19 -21.58 19.04
C GLN A 123 -0.13 -20.86 18.23
N LEU A 124 -0.07 -19.54 18.27
CA LEU A 124 0.94 -18.80 17.52
C LEU A 124 2.21 -18.64 18.34
N THR A 125 3.32 -18.43 17.63
CA THR A 125 4.60 -18.14 18.26
C THR A 125 4.85 -16.63 18.18
N PHE A 126 5.11 -16.01 19.35
CA PHE A 126 5.37 -14.59 19.50
C PHE A 126 6.86 -14.37 19.78
N PRO A 127 7.45 -13.29 19.25
CA PRO A 127 6.86 -12.25 18.40
C PRO A 127 6.33 -12.78 17.07
N PHE A 128 5.19 -12.26 16.63
CA PHE A 128 4.52 -12.76 15.43
C PHE A 128 4.58 -11.70 14.36
N LYS A 129 5.20 -12.03 13.23
CA LYS A 129 5.39 -11.11 12.13
C LYS A 129 4.46 -11.53 11.00
N ARG A 130 3.59 -10.63 10.55
CA ARG A 130 2.82 -10.99 9.37
C ARG A 130 2.74 -9.79 8.44
N TYR A 131 2.71 -10.08 7.14
CA TYR A 131 2.30 -9.08 6.18
C TYR A 131 1.01 -9.53 5.50
N GLN A 132 0.25 -8.57 5.01
CA GLN A 132 -1.06 -8.85 4.43
C GLN A 132 -1.27 -7.91 3.26
N ILE A 133 -1.53 -8.45 2.08
CA ILE A 133 -1.75 -7.64 0.87
C ILE A 133 -3.04 -8.15 0.23
N GLN A 134 -4.14 -7.42 0.42
CA GLN A 134 -5.46 -7.85 -0.01
C GLN A 134 -6.33 -6.64 -0.33
N PRO A 135 -7.30 -6.79 -1.22
CA PRO A 135 -8.26 -5.70 -1.44
C PRO A 135 -9.17 -5.46 -0.22
N VAL A 136 -9.53 -4.19 -0.03
CA VAL A 136 -10.54 -3.79 0.93
C VAL A 136 -11.59 -2.98 0.18
N TRP A 137 -12.73 -2.75 0.85
CA TRP A 137 -13.90 -2.13 0.21
C TRP A 137 -14.49 -1.10 1.17
N ARG A 138 -14.66 0.13 0.69
CA ARG A 138 -15.14 1.23 1.53
C ARG A 138 -16.22 2.02 0.82
N ALA A 139 -17.33 2.27 1.51
CA ALA A 139 -18.43 3.05 0.94
C ALA A 139 -18.21 4.53 1.08
N ASP A 140 -16.97 4.95 1.33
CA ASP A 140 -16.67 6.34 1.65
C ASP A 140 -17.14 7.29 0.56
N ARG A 141 -17.55 8.49 0.98
CA ARG A 141 -18.04 9.56 0.11
C ARG A 141 -17.12 9.77 -1.09
N PRO A 142 -17.65 10.23 -2.23
CA PRO A 142 -16.83 10.40 -3.43
C PRO A 142 -15.69 11.38 -3.24
N GLN A 143 -14.47 10.84 -3.08
CA GLN A 143 -13.25 11.63 -3.00
C GLN A 143 -12.47 11.45 -4.30
N LYS A 144 -11.98 12.56 -4.84
CA LYS A 144 -11.20 12.52 -6.07
C LYS A 144 -9.91 11.73 -5.88
N GLY A 145 -9.66 10.77 -6.78
CA GLY A 145 -8.44 9.99 -6.78
C GLY A 145 -8.53 8.65 -6.08
N ARG A 146 -9.64 8.35 -5.40
CA ARG A 146 -9.78 7.13 -4.64
C ARG A 146 -10.89 6.27 -5.23
N PHE A 147 -10.81 4.97 -4.98
CA PHE A 147 -11.78 4.00 -5.48
C PHE A 147 -12.42 3.24 -4.32
N ARG A 148 -13.61 2.68 -4.58
CA ARG A 148 -14.31 1.97 -3.53
C ARG A 148 -13.67 0.61 -3.24
N GLU A 149 -12.91 0.05 -4.19
CA GLU A 149 -12.11 -1.15 -3.97
C GLU A 149 -10.66 -0.78 -4.19
N PHE A 150 -9.80 -1.15 -3.24
CA PHE A 150 -8.38 -0.89 -3.44
C PHE A 150 -7.59 -1.79 -2.52
N TYR A 151 -6.32 -1.99 -2.87
CA TYR A 151 -5.49 -2.89 -2.10
C TYR A 151 -4.89 -2.18 -0.91
N GLN A 152 -4.87 -2.86 0.23
CA GLN A 152 -4.03 -2.40 1.34
C GLN A 152 -2.85 -3.35 1.47
N CYS A 153 -1.75 -2.82 2.02
CA CYS A 153 -0.51 -3.56 2.15
C CYS A 153 0.08 -3.24 3.53
N ASP A 154 -0.04 -4.19 4.45
CA ASP A 154 0.30 -3.98 5.85
C ASP A 154 1.38 -4.95 6.29
N ALA A 155 2.22 -4.50 7.21
CA ALA A 155 3.11 -5.41 7.95
C ALA A 155 3.00 -5.05 9.42
N ASP A 156 2.81 -6.06 10.27
CA ASP A 156 2.73 -5.88 11.71
C ASP A 156 3.57 -6.94 12.40
N VAL A 157 4.10 -6.60 13.57
CA VAL A 157 4.67 -7.59 14.47
C VAL A 157 4.08 -7.33 15.86
N VAL A 158 3.63 -8.40 16.52
CA VAL A 158 2.93 -8.29 17.79
C VAL A 158 3.60 -9.14 18.85
N GLY A 159 3.47 -8.71 20.09
CA GLY A 159 3.96 -9.45 21.23
C GLY A 159 5.14 -8.83 21.93
N SER A 160 5.69 -7.73 21.43
CA SER A 160 6.83 -7.11 22.10
C SER A 160 6.70 -5.60 22.03
N GLU A 161 7.26 -4.92 23.03
CA GLU A 161 7.40 -3.47 23.00
C GLU A 161 8.80 -3.01 22.63
N SER A 162 9.69 -3.93 22.22
CA SER A 162 11.09 -3.57 21.94
C SER A 162 11.19 -2.55 20.81
N LEU A 163 12.00 -1.52 21.03
CA LEU A 163 12.24 -0.50 20.01
C LEU A 163 13.15 -0.97 18.88
N TRP A 164 13.80 -2.14 19.01
CA TRP A 164 14.47 -2.70 17.84
C TRP A 164 13.48 -3.00 16.71
N GLN A 165 12.21 -3.22 17.05
CA GLN A 165 11.21 -3.46 16.01
C GLN A 165 11.00 -2.21 15.14
N GLU A 166 10.88 -1.03 15.79
CA GLU A 166 10.88 0.25 15.07
C GLU A 166 12.07 0.36 14.14
N VAL A 167 13.26 0.02 14.62
CA VAL A 167 14.45 0.19 13.80
C VAL A 167 14.37 -0.70 12.57
N GLU A 168 13.94 -1.95 12.77
CA GLU A 168 13.80 -2.87 11.65
C GLU A 168 12.78 -2.38 10.63
N LEU A 169 11.63 -1.88 11.10
CA LEU A 169 10.59 -1.37 10.18
C LEU A 169 11.08 -0.17 9.39
N VAL A 170 11.91 0.68 9.98
CA VAL A 170 12.51 1.78 9.22
C VAL A 170 13.36 1.24 8.08
N GLN A 171 14.21 0.27 8.38
CA GLN A 171 15.02 -0.36 7.34
C GLN A 171 14.15 -1.06 6.31
N LEU A 172 13.03 -1.67 6.74
CA LEU A 172 12.14 -2.32 5.80
C LEU A 172 11.58 -1.34 4.79
N TYR A 173 11.08 -0.19 5.26
CA TYR A 173 10.60 0.87 4.38
C TYR A 173 11.67 1.27 3.36
N PHE A 174 12.87 1.62 3.85
CA PHE A 174 13.92 2.10 2.96
C PHE A 174 14.29 1.04 1.91
N LYS A 175 14.42 -0.22 2.33
CA LYS A 175 14.79 -1.24 1.35
C LYS A 175 13.66 -1.48 0.35
N ALA A 176 12.42 -1.59 0.83
CA ALA A 176 11.29 -1.77 -0.08
C ALA A 176 11.25 -0.69 -1.15
N PHE A 177 11.34 0.58 -0.74
CA PHE A 177 11.23 1.64 -1.73
C PHE A 177 12.50 1.80 -2.54
N LYS A 178 13.64 1.38 -2.01
CA LYS A 178 14.85 1.33 -2.84
C LYS A 178 14.65 0.33 -3.98
N GLU A 179 14.11 -0.85 -3.65
CA GLU A 179 13.86 -1.85 -4.68
C GLU A 179 12.84 -1.35 -5.70
N LEU A 180 11.81 -0.62 -5.26
CA LEU A 180 10.91 -0.02 -6.24
C LEU A 180 11.55 1.13 -7.00
N GLY A 181 12.65 1.67 -6.48
CA GLY A 181 13.32 2.76 -7.13
C GLY A 181 12.83 4.12 -6.72
N VAL A 182 12.10 4.22 -5.61
CA VAL A 182 11.48 5.47 -5.20
C VAL A 182 12.30 6.07 -4.06
N PRO A 183 12.99 7.19 -4.27
CA PRO A 183 13.64 7.86 -3.13
C PRO A 183 12.57 8.40 -2.18
N VAL A 184 12.74 8.16 -0.90
CA VAL A 184 11.73 8.53 0.09
C VAL A 184 12.39 9.15 1.31
N ALA A 185 11.62 9.99 1.98
CA ALA A 185 11.98 10.49 3.30
C ALA A 185 10.92 9.99 4.27
N ILE A 186 11.35 9.55 5.45
CA ILE A 186 10.46 9.01 6.47
C ILE A 186 10.41 10.03 7.61
N GLN A 187 9.24 10.60 7.84
CA GLN A 187 9.05 11.45 9.01
C GLN A 187 8.72 10.58 10.21
N MET A 188 9.29 10.92 11.35
CA MET A 188 8.99 10.16 12.54
C MET A 188 8.65 11.08 13.71
N ASN A 189 7.66 10.68 14.49
CA ASN A 189 7.37 11.35 15.75
C ASN A 189 7.08 10.26 16.77
N ASN A 190 6.65 10.67 17.95
CA ASN A 190 6.25 9.73 18.99
C ASN A 190 5.10 10.35 19.76
N ARG A 191 4.05 9.56 20.01
CA ARG A 191 2.83 10.08 20.63
C ARG A 191 3.08 10.66 22.02
N LYS A 192 4.04 10.11 22.76
CA LYS A 192 4.34 10.64 24.09
C LYS A 192 4.99 12.02 24.02
N ILE A 193 5.64 12.34 22.92
CA ILE A 193 6.20 13.68 22.75
C ILE A 193 5.09 14.70 22.60
N LEU A 194 4.07 14.35 21.80
CA LEU A 194 2.89 15.19 21.67
C LEU A 194 2.17 15.33 23.00
N SER A 195 2.08 14.24 23.78
CA SER A 195 1.45 14.35 25.09
C SER A 195 2.27 15.25 26.01
N GLY A 196 3.60 15.15 25.92
CA GLY A 196 4.44 16.06 26.68
C GLY A 196 4.18 17.51 26.32
N LEU A 197 4.13 17.80 25.01
CA LEU A 197 3.77 19.13 24.53
C LEU A 197 2.45 19.59 25.12
N ALA A 198 1.44 18.73 25.07
CA ALA A 198 0.12 19.06 25.61
C ALA A 198 0.23 19.44 27.07
N GLU A 199 0.96 18.66 27.86
CA GLU A 199 1.07 18.93 29.28
C GLU A 199 1.92 20.16 29.57
N TYR A 200 3.02 20.32 28.84
CA TYR A 200 3.98 21.38 29.15
C TYR A 200 3.44 22.75 28.78
N ALA A 201 2.87 22.87 27.58
CA ALA A 201 2.38 24.15 27.09
C ALA A 201 0.88 24.31 27.29
N GLY A 202 0.20 23.29 27.82
CA GLY A 202 -1.23 23.42 28.06
C GLY A 202 -2.09 23.35 26.82
N ILE A 203 -1.68 22.58 25.82
CA ILE A 203 -2.41 22.54 24.56
C ILE A 203 -3.14 21.21 24.38
N THR A 204 -3.55 20.59 25.47
CA THR A 204 -4.35 19.38 25.37
C THR A 204 -5.61 19.70 24.58
N GLU A 205 -5.98 18.79 23.68
CA GLU A 205 -7.09 18.95 22.75
C GLU A 205 -6.82 20.02 21.70
N GLN A 206 -5.58 20.49 21.56
CA GLN A 206 -5.26 21.44 20.50
C GLN A 206 -4.09 20.97 19.66
N LEU A 207 -3.72 19.69 19.78
CA LEU A 207 -2.50 19.22 19.13
C LEU A 207 -2.61 19.28 17.61
N ILE A 208 -3.79 18.98 17.05
CA ILE A 208 -3.91 18.99 15.59
C ILE A 208 -3.77 20.41 15.05
N ASP A 209 -4.54 21.35 15.62
CA ASP A 209 -4.45 22.75 15.18
C ASP A 209 -3.03 23.27 15.32
N PHE A 210 -2.38 22.99 16.45
CA PHE A 210 -1.01 23.46 16.66
C PHE A 210 -0.07 22.91 15.59
N THR A 211 -0.08 21.59 15.37
CA THR A 211 0.89 20.98 14.47
C THR A 211 0.57 21.30 13.01
N VAL A 212 -0.72 21.35 12.64
CA VAL A 212 -1.08 21.80 11.30
C VAL A 212 -0.48 23.17 11.01
N ALA A 213 -0.54 24.08 11.99
CA ALA A 213 -0.01 25.42 11.78
C ALA A 213 1.52 25.43 11.79
N LEU A 214 2.13 24.78 12.79
CA LEU A 214 3.59 24.74 12.85
C LEU A 214 4.16 24.10 11.59
N ASP A 215 3.44 23.14 11.02
CA ASP A 215 3.86 22.52 9.77
C ASP A 215 4.03 23.53 8.65
N LYS A 216 3.41 24.70 8.73
CA LYS A 216 3.50 25.69 7.67
C LYS A 216 4.71 26.61 7.80
N LEU A 217 5.63 26.32 8.72
CA LEU A 217 6.65 27.31 9.06
C LEU A 217 7.53 27.66 7.87
N ASP A 218 7.93 26.66 7.07
CA ASP A 218 8.82 26.93 5.94
C ASP A 218 8.13 27.81 4.91
N LYS A 219 6.83 27.58 4.66
CA LYS A 219 6.12 28.30 3.61
C LYS A 219 5.76 29.73 4.03
N ILE A 220 4.99 29.89 5.12
CA ILE A 220 4.38 31.19 5.43
C ILE A 220 5.12 31.95 6.53
N GLY A 221 6.16 31.37 7.12
CA GLY A 221 6.98 32.10 8.07
C GLY A 221 6.42 32.10 9.48
N LYS A 222 7.28 32.49 10.41
CA LYS A 222 6.94 32.42 11.83
C LYS A 222 5.76 33.31 12.18
N ASP A 223 5.75 34.53 11.65
CA ASP A 223 4.61 35.43 11.90
C ASP A 223 3.31 34.84 11.38
N GLY A 224 3.35 34.26 10.18
CA GLY A 224 2.17 33.61 9.65
C GLY A 224 1.73 32.41 10.48
N VAL A 225 2.70 31.65 10.99
CA VAL A 225 2.35 30.48 11.81
C VAL A 225 1.69 30.92 13.11
N ILE A 226 2.25 31.94 13.76
CA ILE A 226 1.73 32.39 15.04
C ILE A 226 0.33 32.95 14.88
N LYS A 227 0.09 33.68 13.77
CA LYS A 227 -1.23 34.24 13.51
C LYS A 227 -2.27 33.16 13.31
N GLU A 228 -1.89 32.04 12.68
CA GLU A 228 -2.83 30.94 12.51
C GLU A 228 -3.10 30.25 13.84
N MET A 229 -2.07 30.04 14.64
CA MET A 229 -2.27 29.44 15.96
C MET A 229 -3.19 30.31 16.81
N GLN A 230 -3.01 31.63 16.76
CA GLN A 230 -3.88 32.53 17.50
C GLN A 230 -5.33 32.39 17.04
N GLU A 231 -5.55 32.34 15.72
CA GLU A 231 -6.89 32.18 15.18
C GLU A 231 -7.51 30.85 15.59
N LYS A 232 -6.69 29.82 15.75
CA LYS A 232 -7.19 28.52 16.16
C LYS A 232 -7.37 28.43 17.67
N GLY A 233 -7.10 29.51 18.39
CA GLY A 233 -7.31 29.52 19.83
C GLY A 233 -6.14 29.02 20.66
N ILE A 234 -4.97 28.83 20.05
CA ILE A 234 -3.76 28.57 20.83
C ILE A 234 -3.37 29.82 21.59
N SER A 235 -3.18 29.69 22.90
CA SER A 235 -2.85 30.86 23.72
C SER A 235 -1.41 31.31 23.46
N ASN A 236 -1.21 32.63 23.55
CA ASN A 236 0.14 33.18 23.44
C ASN A 236 1.08 32.62 24.49
N GLU A 237 0.57 32.30 25.69
CA GLU A 237 1.38 31.62 26.70
C GLU A 237 2.00 30.33 26.15
N ALA A 238 1.19 29.53 25.47
CA ALA A 238 1.75 28.31 24.85
C ALA A 238 2.66 28.67 23.68
N ILE A 239 2.24 29.61 22.84
CA ILE A 239 3.06 29.98 21.68
C ILE A 239 4.44 30.44 22.13
N GLU A 240 4.49 31.20 23.23
CA GLU A 240 5.77 31.70 23.73
C GLU A 240 6.56 30.62 24.46
N LYS A 241 5.86 29.73 25.19
CA LYS A 241 6.53 28.61 25.86
C LYS A 241 7.20 27.70 24.86
N LEU A 242 6.64 27.59 23.65
CA LEU A 242 7.14 26.73 22.59
C LEU A 242 7.90 27.51 21.52
N ASP A 243 8.29 28.73 21.82
CA ASP A 243 9.02 29.56 20.87
C ASP A 243 10.25 28.84 20.32
N PHE A 244 10.91 28.00 21.12
CA PHE A 244 12.09 27.29 20.65
C PHE A 244 11.77 26.38 19.46
N LEU A 245 10.51 25.92 19.35
CA LEU A 245 10.14 25.11 18.19
C LEU A 245 10.14 25.90 16.89
N PHE A 246 10.24 27.22 16.97
CA PHE A 246 10.42 28.07 15.80
C PHE A 246 11.87 28.23 15.40
N HIS A 247 12.81 27.79 16.24
CA HIS A 247 14.25 27.91 15.97
C HIS A 247 14.95 26.59 16.22
N GLN A 248 14.58 25.56 15.45
CA GLN A 248 15.17 24.24 15.59
C GLN A 248 16.49 24.13 14.84
N LYS A 249 17.45 23.45 15.45
CA LYS A 249 18.79 23.30 14.89
C LYS A 249 18.85 22.18 13.86
N ILE A 250 19.97 22.14 13.12
CA ILE A 250 20.19 21.12 12.08
C ILE A 250 20.04 19.73 12.68
N ASN A 251 20.74 19.46 13.78
CA ASN A 251 20.82 18.13 14.36
C ASN A 251 19.48 17.75 15.00
N ALA A 252 18.76 16.81 14.38
CA ALA A 252 17.54 16.28 15.00
C ALA A 252 17.80 15.85 16.44
N LEU A 253 18.99 15.28 16.70
CA LEU A 253 19.32 14.83 18.05
C LEU A 253 19.47 15.99 19.01
N GLU A 254 19.98 17.14 18.53
CA GLU A 254 20.00 18.35 19.35
C GLU A 254 18.59 18.83 19.66
N ASN A 255 17.69 18.72 18.68
CA ASN A 255 16.32 19.17 18.88
C ASN A 255 15.60 18.31 19.92
N LEU A 256 15.86 16.99 19.89
CA LEU A 256 15.30 16.12 20.90
C LEU A 256 15.88 16.44 22.28
N GLN A 257 17.19 16.68 22.35
CA GLN A 257 17.81 17.01 23.63
C GLN A 257 17.22 18.29 24.22
N GLU A 258 16.89 19.27 23.37
CA GLU A 258 16.27 20.49 23.86
CA GLU A 258 16.27 20.49 23.87
C GLU A 258 14.87 20.22 24.42
N LEU A 259 14.08 19.40 23.71
CA LEU A 259 12.75 19.05 24.18
C LEU A 259 12.80 18.33 25.52
N LYS A 260 13.74 17.40 25.68
CA LYS A 260 13.81 16.62 26.91
C LYS A 260 14.11 17.52 28.10
N THR A 261 14.98 18.51 27.91
CA THR A 261 15.26 19.48 28.97
C THR A 261 14.01 20.27 29.34
N ARG A 262 13.28 20.77 28.32
CA ARG A 262 12.04 21.50 28.59
C ARG A 262 11.00 20.60 29.25
N PHE A 263 11.01 19.31 28.94
CA PHE A 263 10.08 18.35 29.54
C PHE A 263 10.50 17.93 30.94
N GLU A 264 11.45 18.64 31.57
CA GLU A 264 11.78 18.33 32.96
C GLU A 264 10.51 18.39 33.80
N GLY A 265 10.21 17.30 34.50
CA GLY A 265 8.99 17.19 35.26
C GLY A 265 7.79 16.68 34.48
N VAL A 266 7.90 16.59 33.15
CA VAL A 266 6.84 16.02 32.33
C VAL A 266 7.30 14.64 31.87
N GLU A 267 6.98 13.62 32.65
CA GLU A 267 7.63 12.33 32.46
C GLU A 267 7.25 11.69 31.13
N VAL A 268 5.99 11.85 30.70
CA VAL A 268 5.59 11.27 29.42
C VAL A 268 6.40 11.88 28.29
N GLY A 269 6.67 13.18 28.36
CA GLY A 269 7.47 13.82 27.33
C GLY A 269 8.90 13.34 27.33
N ILE A 270 9.51 13.22 28.52
CA ILE A 270 10.84 12.64 28.64
C ILE A 270 10.88 11.26 28.00
N GLN A 271 9.86 10.45 28.28
CA GLN A 271 9.80 9.09 27.77
C GLN A 271 9.69 9.09 26.25
N GLY A 272 8.80 9.92 25.71
CA GLY A 272 8.68 10.00 24.27
C GLY A 272 9.96 10.38 23.59
N VAL A 273 10.68 11.36 24.14
CA VAL A 273 11.97 11.77 23.57
C VAL A 273 12.97 10.62 23.64
N THR A 274 13.04 9.97 24.80
CA THR A 274 13.98 8.85 24.97
C THR A 274 13.72 7.75 23.96
N GLU A 275 12.45 7.41 23.75
CA GLU A 275 12.10 6.35 22.81
C GLU A 275 12.46 6.75 21.38
N LEU A 276 12.27 8.01 21.02
CA LEU A 276 12.57 8.44 19.66
C LEU A 276 14.08 8.55 19.44
N GLU A 277 14.81 9.03 20.46
CA GLU A 277 16.26 9.08 20.39
C GLU A 277 16.85 7.69 20.20
N PHE A 278 16.23 6.66 20.77
CA PHE A 278 16.72 5.31 20.56
C PHE A 278 16.66 4.95 19.09
N VAL A 279 15.46 5.06 18.51
CA VAL A 279 15.26 4.68 17.12
C VAL A 279 16.18 5.48 16.22
N LEU A 280 16.21 6.80 16.39
CA LEU A 280 17.01 7.66 15.52
C LEU A 280 18.50 7.35 15.63
N SER A 281 19.02 7.24 16.85
CA SER A 281 20.47 7.05 16.95
C SER A 281 20.88 5.66 16.45
N LYS A 282 20.08 4.63 16.69
CA LYS A 282 20.44 3.32 16.14
C LYS A 282 20.44 3.38 14.62
N ALA A 283 19.47 4.11 14.05
CA ALA A 283 19.37 4.19 12.60
C ALA A 283 20.61 4.83 11.98
N MET A 284 21.12 5.88 12.62
CA MET A 284 22.34 6.52 12.10
C MET A 284 23.53 5.56 12.19
N GLU A 285 23.66 4.85 13.31
CA GLU A 285 24.71 3.85 13.43
C GLU A 285 24.64 2.84 12.29
N LEU A 286 23.46 2.58 11.77
CA LEU A 286 23.27 1.61 10.71
C LEU A 286 23.43 2.22 9.32
N GLY A 287 23.92 3.45 9.23
CA GLY A 287 24.20 4.06 7.95
C GLY A 287 23.07 4.88 7.36
N ILE A 288 21.98 5.07 8.08
CA ILE A 288 20.83 5.79 7.55
C ILE A 288 21.13 7.28 7.52
N ASP A 289 20.71 7.95 6.46
CA ASP A 289 20.97 9.38 6.28
C ASP A 289 19.99 10.21 7.10
N ASN A 290 20.48 11.18 7.85
CA ASN A 290 19.56 11.96 8.69
C ASN A 290 18.73 12.98 7.91
N GLN A 291 18.95 13.12 6.60
CA GLN A 291 17.99 13.83 5.76
C GLN A 291 16.89 12.91 5.23
N ASP A 292 17.08 11.59 5.30
CA ASP A 292 16.06 10.66 4.86
C ASP A 292 15.19 10.13 5.98
N LEU A 293 15.67 10.17 7.22
CA LEU A 293 14.89 9.79 8.40
C LEU A 293 14.96 10.96 9.37
N VAL A 294 13.81 11.60 9.58
CA VAL A 294 13.75 12.94 10.11
C VAL A 294 12.77 12.96 11.27
N PHE A 295 13.16 13.59 12.38
CA PHE A 295 12.21 13.85 13.45
C PHE A 295 11.35 15.02 13.05
N ASN A 296 10.03 14.84 13.09
CA ASN A 296 9.10 15.92 12.73
C ASN A 296 8.01 15.99 13.78
N ILE A 297 8.13 16.97 14.69
CA ILE A 297 7.20 17.09 15.80
C ILE A 297 5.78 17.39 15.33
N THR A 298 5.60 17.83 14.08
CA THR A 298 4.26 18.12 13.60
C THR A 298 3.55 16.90 13.00
N LEU A 299 4.24 15.77 12.84
CA LEU A 299 3.58 14.53 12.44
C LEU A 299 2.66 14.08 13.55
N ALA A 300 1.36 13.97 13.25
CA ALA A 300 0.36 13.63 14.25
C ALA A 300 -0.73 12.73 13.67
N ARG A 301 -0.33 11.70 12.92
CA ARG A 301 -1.28 10.67 12.52
C ARG A 301 -1.76 9.89 13.74
N GLY A 302 -3.03 9.48 13.69
CA GLY A 302 -3.59 8.52 14.61
C GLY A 302 -3.42 8.82 16.08
N LEU A 303 -3.80 10.03 16.51
CA LEU A 303 -3.59 10.45 17.89
C LEU A 303 -4.30 9.55 18.88
N ASP A 304 -5.46 8.99 18.50
CA ASP A 304 -6.20 8.12 19.40
C ASP A 304 -5.77 6.66 19.31
N TYR A 305 -4.83 6.32 18.43
CA TYR A 305 -4.45 4.94 18.17
C TYR A 305 -3.00 4.64 18.49
N TYR A 306 -2.06 5.45 18.01
CA TYR A 306 -0.66 5.18 18.29
C TYR A 306 -0.32 5.62 19.70
N THR A 307 0.46 4.79 20.39
CA THR A 307 0.96 5.14 21.71
C THR A 307 2.45 5.44 21.72
N GLY A 308 3.19 5.06 20.68
CA GLY A 308 4.62 5.36 20.62
C GLY A 308 4.99 5.96 19.29
N ALA A 309 5.94 5.32 18.60
CA ALA A 309 6.42 5.78 17.30
C ALA A 309 5.27 5.96 16.33
N ILE A 310 5.40 6.97 15.47
CA ILE A 310 4.51 7.27 14.37
C ILE A 310 5.38 7.51 13.14
N PHE A 311 5.04 6.89 12.01
CA PHE A 311 5.82 7.05 10.78
C PHE A 311 4.97 7.62 9.66
N GLU A 312 5.59 8.40 8.78
CA GLU A 312 4.95 8.78 7.52
C GLU A 312 6.01 8.88 6.43
N VAL A 313 5.71 8.31 5.27
CA VAL A 313 6.67 8.19 4.18
C VAL A 313 6.23 9.07 3.03
N LYS A 314 7.16 9.86 2.49
CA LYS A 314 6.85 10.64 1.32
C LYS A 314 7.94 10.44 0.27
N ALA A 315 7.55 10.42 -0.99
CA ALA A 315 8.52 10.37 -2.07
C ALA A 315 9.17 11.75 -2.20
N LYS A 316 10.48 11.76 -2.36
CA LYS A 316 11.18 13.02 -2.54
C LYS A 316 10.92 13.58 -3.94
N GLY A 317 10.73 14.89 -4.01
CA GLY A 317 10.68 15.56 -5.29
C GLY A 317 9.47 15.26 -6.14
N VAL A 318 8.35 14.84 -5.53
CA VAL A 318 7.09 14.62 -6.24
C VAL A 318 5.97 15.22 -5.41
N GLU A 319 5.17 16.07 -6.02
CA GLU A 319 3.94 16.53 -5.36
C GLU A 319 3.00 15.34 -5.26
N MET A 320 3.01 14.68 -4.10
CA MET A 320 2.13 13.56 -3.85
C MET A 320 1.88 13.48 -2.36
N GLY A 321 0.70 12.97 -1.99
CA GLY A 321 0.46 12.69 -0.58
C GLY A 321 1.38 11.60 -0.06
N SER A 322 1.27 11.29 1.22
CA SER A 322 2.04 10.22 1.82
C SER A 322 1.81 8.89 1.12
N ILE A 323 2.86 8.09 1.02
CA ILE A 323 2.78 6.77 0.40
C ILE A 323 2.92 5.66 1.42
N GLY A 324 2.81 5.99 2.69
CA GLY A 324 2.85 4.99 3.72
C GLY A 324 2.92 5.64 5.08
N GLY A 325 2.51 4.90 6.10
CA GLY A 325 2.60 5.35 7.47
C GLY A 325 2.32 4.18 8.38
N GLY A 326 2.52 4.41 9.68
CA GLY A 326 2.20 3.40 10.67
C GLY A 326 2.63 3.86 12.04
N GLY A 327 2.69 2.91 12.97
CA GLY A 327 3.27 3.19 14.25
C GLY A 327 2.96 2.10 15.27
N ARG A 328 3.37 2.37 16.51
CA ARG A 328 3.17 1.44 17.62
C ARG A 328 1.85 1.69 18.35
N TYR A 329 1.16 0.61 18.72
CA TYR A 329 -0.14 0.68 19.39
C TYR A 329 -0.13 -0.18 20.65
N ASN A 330 -1.15 0.00 21.48
CA ASN A 330 -1.12 -0.56 22.82
C ASN A 330 -1.40 -2.06 22.83
N ASN A 331 -2.46 -2.50 22.15
CA ASN A 331 -2.90 -3.89 22.25
C ASN A 331 -3.74 -4.22 21.03
N LEU A 332 -3.20 -5.08 20.17
CA LEU A 332 -3.89 -5.48 18.94
C LEU A 332 -5.30 -5.98 19.20
N THR A 333 -5.47 -6.86 20.18
CA THR A 333 -6.70 -7.61 20.34
C THR A 333 -7.59 -7.03 21.43
N GLU A 334 -7.39 -5.75 21.77
CA GLU A 334 -8.20 -5.08 22.80
C GLU A 334 -9.70 -5.27 22.56
N VAL A 335 -10.15 -4.97 21.34
CA VAL A 335 -11.59 -4.99 21.06
C VAL A 335 -12.18 -6.38 21.09
N PHE A 336 -11.36 -7.43 21.09
CA PHE A 336 -11.88 -8.79 21.16
C PHE A 336 -11.68 -9.43 22.53
N GLY A 337 -11.29 -8.65 23.53
CA GLY A 337 -11.17 -9.17 24.88
C GLY A 337 -9.97 -10.05 25.12
N VAL A 338 -8.88 -9.81 24.40
CA VAL A 338 -7.61 -10.49 24.65
C VAL A 338 -6.57 -9.42 24.94
N LYS A 339 -5.96 -9.49 26.11
CA LYS A 339 -5.06 -8.46 26.60
C LYS A 339 -3.60 -8.78 26.28
N ASN A 340 -2.76 -7.74 26.36
CA ASN A 340 -1.30 -7.89 26.37
C ASN A 340 -0.76 -8.46 25.07
N ILE A 341 -1.26 -7.95 23.95
CA ILE A 341 -0.64 -8.23 22.66
C ILE A 341 -0.23 -6.88 22.06
N PRO A 342 0.81 -6.26 22.56
CA PRO A 342 1.25 -4.99 21.98
C PRO A 342 1.79 -5.23 20.58
N GLY A 343 1.87 -4.17 19.80
CA GLY A 343 2.34 -4.36 18.44
C GLY A 343 2.68 -3.05 17.79
N ILE A 344 3.28 -3.18 16.61
CA ILE A 344 3.63 -2.03 15.78
C ILE A 344 3.41 -2.44 14.33
N GLY A 345 2.90 -1.51 13.53
CA GLY A 345 2.57 -1.80 12.15
C GLY A 345 2.97 -0.68 11.22
N ILE A 346 3.23 -1.03 9.96
CA ILE A 346 3.44 -0.06 8.90
C ILE A 346 2.55 -0.44 7.73
N SER A 347 2.28 0.54 6.87
CA SER A 347 1.45 0.35 5.69
C SER A 347 2.15 0.97 4.48
N PHE A 348 1.87 0.40 3.31
CA PHE A 348 2.32 0.95 2.04
C PHE A 348 1.09 1.38 1.25
N GLY A 349 1.09 2.62 0.79
CA GLY A 349 0.00 3.09 -0.05
C GLY A 349 0.23 2.71 -1.51
N LEU A 350 -0.47 1.67 -1.98
CA LEU A 350 -0.08 1.08 -3.26
C LEU A 350 -0.54 1.92 -4.44
N ASP A 351 -1.77 2.46 -4.39
CA ASP A 351 -2.24 3.29 -5.50
CA ASP A 351 -2.24 3.30 -5.49
C ASP A 351 -1.40 4.56 -5.63
N ARG A 352 -1.03 5.19 -4.50
CA ARG A 352 -0.17 6.37 -4.59
C ARG A 352 1.25 6.01 -4.99
N THR A 353 1.80 4.92 -4.44
CA THR A 353 3.09 4.43 -4.90
C THR A 353 3.07 4.21 -6.41
N TYR A 354 1.99 3.62 -6.91
CA TYR A 354 1.85 3.42 -8.36
C TYR A 354 1.91 4.75 -9.11
N LEU A 355 1.19 5.77 -8.61
CA LEU A 355 1.20 7.07 -9.27
C LEU A 355 2.58 7.71 -9.25
N VAL A 356 3.30 7.56 -8.13
CA VAL A 356 4.66 8.09 -8.02
C VAL A 356 5.60 7.38 -8.99
N MET A 357 5.53 6.06 -9.03
CA MET A 357 6.39 5.32 -9.96
C MET A 357 6.05 5.66 -11.39
N GLU A 358 4.77 5.89 -11.68
CA GLU A 358 4.38 6.30 -13.02
C GLU A 358 5.03 7.63 -13.39
N GLU A 359 4.99 8.60 -12.49
CA GLU A 359 5.55 9.91 -12.78
C GLU A 359 7.06 9.84 -12.98
N LEU A 360 7.75 9.03 -12.19
CA LEU A 360 9.20 8.94 -12.25
C LEU A 360 9.70 7.99 -13.32
N GLY A 361 8.82 7.35 -14.09
CA GLY A 361 9.23 6.41 -15.10
C GLY A 361 9.84 5.13 -14.57
N LEU A 362 9.37 4.64 -13.42
CA LEU A 362 10.03 3.54 -12.74
C LEU A 362 9.49 2.17 -13.10
N PHE A 363 8.41 2.08 -13.87
CA PHE A 363 7.91 0.75 -14.18
C PHE A 363 8.79 0.06 -15.22
N PRO A 364 9.10 -1.21 -15.05
CA PRO A 364 10.01 -1.88 -15.97
C PRO A 364 9.41 -1.99 -17.36
N GLU A 365 10.29 -2.24 -18.33
CA GLU A 365 9.85 -2.38 -19.73
C GLU A 365 10.23 -3.74 -20.28
N THR A 368 6.01 -6.13 -20.75
CA THR A 368 4.87 -6.23 -21.65
C THR A 368 4.56 -7.68 -22.04
N VAL A 369 3.28 -8.03 -22.18
CA VAL A 369 2.87 -9.42 -22.41
C VAL A 369 2.42 -9.55 -23.86
N LYS A 370 3.33 -10.03 -24.70
CA LYS A 370 2.99 -10.45 -26.04
C LYS A 370 3.95 -11.56 -26.42
N VAL A 371 3.55 -12.40 -27.38
CA VAL A 371 4.47 -13.42 -27.81
C VAL A 371 5.68 -12.76 -28.44
N GLU A 372 6.83 -13.41 -28.30
CA GLU A 372 8.03 -12.99 -29.01
C GLU A 372 7.91 -13.29 -30.50
N TYR A 373 7.24 -14.40 -30.85
CA TYR A 373 7.18 -14.88 -32.23
C TYR A 373 5.76 -15.22 -32.62
N LEU A 374 5.23 -14.50 -33.62
CA LEU A 374 3.97 -14.87 -34.27
C LEU A 374 4.28 -15.64 -35.53
N PHE A 375 3.71 -16.84 -35.67
CA PHE A 375 3.84 -17.59 -36.90
C PHE A 375 2.66 -17.26 -37.81
N ALA A 376 2.97 -16.79 -39.02
CA ALA A 376 1.97 -16.66 -40.07
C ALA A 376 1.34 -18.00 -40.37
N ASN A 377 0.07 -17.98 -40.72
CA ASN A 377 -0.71 -19.20 -40.98
C ASN A 377 -0.95 -19.26 -42.48
N TYR A 378 -0.20 -20.14 -43.17
CA TYR A 378 -0.31 -20.31 -44.62
C TYR A 378 -1.46 -21.21 -45.05
N GLY A 379 -2.02 -21.99 -44.12
CA GLY A 379 -2.92 -23.06 -44.49
C GLY A 379 -2.74 -24.25 -43.57
N GLU A 380 -3.68 -25.18 -43.63
CA GLU A 380 -3.70 -26.27 -42.65
C GLU A 380 -2.45 -27.14 -42.75
N GLU A 381 -2.05 -27.49 -43.96
CA GLU A 381 -0.85 -28.34 -44.14
C GLU A 381 0.39 -27.73 -43.48
N GLU A 382 0.65 -26.44 -43.76
CA GLU A 382 1.86 -25.81 -43.23
C GLU A 382 1.72 -25.46 -41.74
N ALA A 383 0.50 -25.23 -41.26
CA ALA A 383 0.33 -24.72 -39.90
C ALA A 383 0.76 -25.74 -38.86
N ILE A 384 0.63 -27.04 -39.15
CA ILE A 384 1.05 -28.04 -38.17
C ILE A 384 2.56 -27.95 -37.93
N GLU A 385 3.32 -27.61 -38.96
CA GLU A 385 4.77 -27.46 -38.77
C GLU A 385 5.09 -26.23 -37.94
N ALA A 386 4.29 -25.17 -38.06
CA ALA A 386 4.45 -24.05 -37.14
C ALA A 386 4.15 -24.48 -35.72
N MET A 387 3.06 -25.22 -35.51
CA MET A 387 2.73 -25.71 -34.16
C MET A 387 3.90 -26.47 -33.54
N LYS A 388 4.58 -27.30 -34.34
CA LYS A 388 5.72 -28.06 -33.85
C LYS A 388 6.84 -27.14 -33.36
N LEU A 389 7.16 -26.12 -34.13
CA LEU A 389 8.21 -25.17 -33.72
C LEU A 389 7.78 -24.38 -32.50
N ILE A 390 6.50 -23.98 -32.46
CA ILE A 390 5.99 -23.23 -31.32
C ILE A 390 6.15 -24.02 -30.03
N ALA A 391 5.83 -25.33 -30.06
CA ALA A 391 6.00 -26.13 -28.84
C ALA A 391 7.45 -26.14 -28.40
N GLN A 392 8.37 -26.26 -29.36
CA GLN A 392 9.78 -26.23 -29.02
C GLN A 392 10.20 -24.89 -28.42
N LEU A 393 9.70 -23.78 -28.98
CA LEU A 393 10.04 -22.49 -28.37
C LEU A 393 9.51 -22.41 -26.95
N ARG A 394 8.27 -22.87 -26.73
CA ARG A 394 7.68 -22.78 -25.41
C ARG A 394 8.42 -23.65 -24.40
N GLU A 395 8.94 -24.81 -24.83
CA GLU A 395 9.72 -25.64 -23.93
C GLU A 395 10.98 -24.93 -23.46
N LYS A 396 11.57 -24.10 -24.32
CA LYS A 396 12.76 -23.34 -23.95
C LYS A 396 12.42 -22.05 -23.20
N GLY A 397 11.13 -21.76 -22.97
CA GLY A 397 10.73 -20.57 -22.24
C GLY A 397 10.44 -19.36 -23.09
N ILE A 398 10.31 -19.52 -24.41
CA ILE A 398 10.03 -18.43 -25.34
C ILE A 398 8.56 -18.47 -25.73
N SER A 399 7.88 -17.32 -25.63
CA SER A 399 6.46 -17.26 -25.95
C SER A 399 6.26 -17.15 -27.46
N ALA A 400 5.25 -17.85 -27.96
CA ALA A 400 4.94 -17.85 -29.38
C ALA A 400 3.52 -18.33 -29.58
N GLU A 401 2.99 -18.10 -30.77
CA GLU A 401 1.65 -18.58 -31.10
C GLU A 401 1.51 -18.56 -32.61
N LEU A 402 0.55 -19.33 -33.09
CA LEU A 402 0.16 -19.37 -34.49
C LEU A 402 -1.05 -18.47 -34.69
N TYR A 403 -0.97 -17.58 -35.68
CA TYR A 403 -2.18 -16.87 -36.07
C TYR A 403 -3.23 -17.91 -36.46
N PRO A 404 -4.45 -17.85 -35.91
CA PRO A 404 -5.32 -19.04 -35.94
C PRO A 404 -6.02 -19.31 -37.27
N GLU A 405 -6.04 -18.38 -38.20
CA GLU A 405 -6.70 -18.62 -39.48
C GLU A 405 -5.74 -18.32 -40.62
N ALA A 406 -5.95 -19.01 -41.74
CA ALA A 406 -5.17 -18.77 -42.95
C ALA A 406 -5.69 -17.51 -43.67
N ALA A 407 -5.63 -16.40 -42.96
CA ALA A 407 -6.08 -15.12 -43.49
C ALA A 407 -5.07 -14.54 -44.46
N LYS A 408 -5.48 -13.47 -45.13
CA LYS A 408 -4.53 -12.69 -45.92
C LYS A 408 -3.40 -12.20 -45.01
N LEU A 409 -2.20 -12.10 -45.59
CA LEU A 409 -1.02 -11.76 -44.80
C LEU A 409 -1.16 -10.40 -44.13
N LYS A 410 -1.77 -9.43 -44.82
CA LYS A 410 -1.92 -8.10 -44.26
C LYS A 410 -2.70 -8.14 -42.95
N LYS A 411 -3.74 -8.97 -42.88
CA LYS A 411 -4.48 -9.12 -41.64
C LYS A 411 -3.59 -9.70 -40.54
N GLN A 412 -2.72 -10.65 -40.89
CA GLN A 412 -1.82 -11.22 -39.90
C GLN A 412 -0.75 -10.22 -39.49
N PHE A 413 -0.23 -9.45 -40.45
CA PHE A 413 0.67 -8.35 -40.15
C PHE A 413 0.01 -7.32 -39.24
N THR A 414 -1.22 -6.93 -39.55
CA THR A 414 -1.91 -5.94 -38.73
C THR A 414 -2.05 -6.41 -37.29
N TYR A 415 -2.32 -7.70 -37.11
CA TYR A 415 -2.48 -8.24 -35.76
C TYR A 415 -1.17 -8.16 -34.98
N ALA A 416 -0.06 -8.58 -35.61
CA ALA A 416 1.23 -8.45 -34.95
C ALA A 416 1.57 -6.99 -34.66
N GLU A 417 1.20 -6.08 -35.57
CA GLU A 417 1.40 -4.66 -35.31
C GLU A 417 0.62 -4.20 -34.08
N LYS A 418 -0.69 -4.50 -34.04
CA LYS A 418 -1.50 -4.01 -32.92
C LYS A 418 -1.09 -4.66 -31.61
N LYS A 419 -0.63 -5.91 -31.63
CA LYS A 419 -0.18 -6.60 -30.43
CA LYS A 419 -0.20 -6.58 -30.42
C LYS A 419 1.26 -6.27 -30.07
N GLU A 420 1.98 -5.53 -30.92
CA GLU A 420 3.38 -5.17 -30.70
C GLU A 420 4.28 -6.39 -30.63
N ILE A 421 3.93 -7.44 -31.36
CA ILE A 421 4.78 -8.64 -31.38
C ILE A 421 6.06 -8.34 -32.17
N PRO A 422 7.24 -8.58 -31.62
CA PRO A 422 8.47 -8.10 -32.28
C PRO A 422 8.89 -8.91 -33.50
N ASN A 423 8.38 -10.12 -33.68
CA ASN A 423 8.84 -10.97 -34.77
C ASN A 423 7.67 -11.70 -35.41
N LEU A 424 7.68 -11.72 -36.73
CA LEU A 424 6.75 -12.53 -37.49
C LEU A 424 7.55 -13.62 -38.17
N VAL A 425 7.08 -14.86 -38.04
CA VAL A 425 7.82 -16.02 -38.53
C VAL A 425 7.08 -16.59 -39.73
N PHE A 426 7.81 -16.81 -40.82
CA PHE A 426 7.28 -17.38 -42.05
C PHE A 426 7.89 -18.75 -42.24
N LEU A 427 7.06 -19.77 -42.13
CA LEU A 427 7.48 -21.17 -42.23
C LEU A 427 6.61 -21.81 -43.31
N GLY A 428 6.91 -21.48 -44.57
CA GLY A 428 6.15 -21.97 -45.69
C GLY A 428 6.74 -23.26 -46.22
N LYS A 429 6.20 -23.70 -47.36
CA LYS A 429 6.58 -25.00 -47.91
C LYS A 429 8.09 -25.07 -48.14
N ASP A 430 8.70 -23.98 -48.61
CA ASP A 430 10.14 -23.97 -48.84
C ASP A 430 10.92 -24.16 -47.54
N GLU A 431 10.60 -23.35 -46.52
CA GLU A 431 11.32 -23.47 -45.27
C GLU A 431 11.09 -24.83 -44.63
N ILE A 432 9.91 -25.40 -44.82
CA ILE A 432 9.61 -26.71 -44.26
C ILE A 432 10.47 -27.78 -44.92
N GLU A 433 10.43 -27.86 -46.26
CA GLU A 433 11.23 -28.84 -46.98
C GLU A 433 12.72 -28.68 -46.70
N ASN A 434 13.19 -27.46 -46.52
CA ASN A 434 14.60 -27.18 -46.31
C ASN A 434 15.00 -27.18 -44.85
N ALA A 435 14.05 -27.39 -43.92
CA ALA A 435 14.31 -27.35 -42.48
C ALA A 435 14.89 -25.99 -42.06
N ASN A 436 14.38 -24.94 -42.70
CA ASN A 436 14.71 -23.57 -42.37
C ASN A 436 13.51 -22.88 -41.73
N VAL A 437 13.75 -21.63 -41.33
CA VAL A 437 12.68 -20.76 -40.85
C VAL A 437 13.06 -19.35 -41.24
N THR A 438 12.06 -18.55 -41.63
CA THR A 438 12.29 -17.18 -42.07
C THR A 438 11.63 -16.23 -41.07
N ILE A 439 12.45 -15.39 -40.45
CA ILE A 439 12.02 -14.54 -39.35
C ILE A 439 12.06 -13.10 -39.84
N LYS A 440 10.95 -12.39 -39.68
CA LYS A 440 10.86 -10.99 -40.03
C LYS A 440 10.83 -10.18 -38.74
N ASN A 441 11.91 -9.47 -38.48
CA ASN A 441 12.02 -8.64 -37.29
C ASN A 441 11.25 -7.34 -37.56
N LEU A 442 10.19 -7.09 -36.78
CA LEU A 442 9.36 -5.92 -36.97
C LEU A 442 9.88 -4.69 -36.21
N THR A 443 10.96 -4.84 -35.44
CA THR A 443 11.62 -3.69 -34.82
C THR A 443 12.65 -3.05 -35.76
N THR A 444 13.48 -3.87 -36.37
CA THR A 444 14.50 -3.41 -37.29
C THR A 444 14.04 -3.42 -38.74
N GLY A 445 12.89 -4.03 -39.03
CA GLY A 445 12.52 -4.23 -40.42
C GLY A 445 13.32 -5.29 -41.13
N GLU A 446 14.33 -5.88 -40.48
CA GLU A 446 15.18 -6.86 -41.15
C GLU A 446 14.51 -8.22 -41.21
N GLN A 447 14.80 -8.96 -42.28
CA GLN A 447 14.31 -10.30 -42.48
C GLN A 447 15.48 -11.22 -42.80
N GLU A 448 15.37 -12.48 -42.39
CA GLU A 448 16.42 -13.43 -42.71
C GLU A 448 15.87 -14.85 -42.62
N THR A 449 16.53 -15.74 -43.33
CA THR A 449 16.17 -17.16 -43.39
C THR A 449 17.35 -17.95 -42.84
N ILE A 450 17.11 -18.65 -41.72
CA ILE A 450 18.15 -19.43 -41.06
C ILE A 450 17.63 -20.86 -40.90
N THR A 451 18.55 -21.75 -40.57
CA THR A 451 18.15 -23.13 -40.28
C THR A 451 17.32 -23.16 -39.01
N GLN A 452 16.45 -24.17 -38.92
CA GLN A 452 15.71 -24.32 -37.68
C GLN A 452 16.62 -24.71 -36.52
N SER A 453 17.79 -25.29 -36.83
CA SER A 453 18.76 -25.58 -35.78
C SER A 453 19.38 -24.31 -35.22
N GLU A 454 19.73 -23.35 -36.08
CA GLU A 454 20.23 -22.07 -35.58
C GLU A 454 19.14 -21.34 -34.80
N PHE A 455 17.91 -21.38 -35.29
CA PHE A 455 16.80 -20.67 -34.65
C PHE A 455 16.56 -21.18 -33.23
N LEU A 456 16.66 -22.49 -33.03
CA LEU A 456 16.38 -23.09 -31.73
C LEU A 456 17.60 -23.20 -30.84
N LYS A 457 18.77 -22.76 -31.30
CA LYS A 457 20.00 -22.87 -30.51
C LYS A 457 19.97 -21.94 -29.30
#